data_2CJZ
#
_entry.id   2CJZ
#
_cell.length_a   52.342
_cell.length_b   64.348
_cell.length_c   100.781
_cell.angle_alpha   90.00
_cell.angle_beta   90.00
_cell.angle_gamma   90.00
#
_symmetry.space_group_name_H-M   'P 21 21 21'
#
loop_
_entity.id
_entity.type
_entity.pdbx_description
1 polymer 'HUMAN PROTEIN TYROSINE PHOSPHATASE PTPN5'
2 non-polymer O-PHOSPHOTYROSINE
3 non-polymer 1,2-ETHANEDIOL
4 water water
#
_entity_poly.entity_id   1
_entity_poly.type   'polypeptide(L)'
_entity_poly.pdbx_seq_one_letter_code
;MHHHHHHSSGVDLGTENLYFQSMSRVLQAEELHEKALDPFLLQAEFFEIPMNFVDPKEYDIPGLVRKNRYKTILPNPHSR
VCLTSPDPDDPLSSYINANYIRGYGGEEKVYIATQGPIVSTVADFWRMVWQEHTPIIVMITNIEEMNEKCTEYWPEEQVA
YDGVEITVQKVIHTEDYRLRLISLKSGTEERGLKHYWFTSWPDQKTPDRAPPLLHLVREVEEAAQQEGPHCAPIIVHSSA
GIGRTGCFIATSICCQQLRQEGVVDILKTTCQLRQDRGGMIQTCEQYQFVHHVMSLYEKQLSHQS
;
_entity_poly.pdbx_strand_id   A
#
loop_
_chem_comp.id
_chem_comp.type
_chem_comp.name
_chem_comp.formula
EDO non-polymer 1,2-ETHANEDIOL 'C2 H6 O2'
#
# COMPACT_ATOMS: atom_id res chain seq x y z
N ASN A 17 10.50 -15.70 6.78
CA ASN A 17 9.57 -16.80 7.16
C ASN A 17 9.12 -16.66 8.61
N LEU A 18 8.79 -15.43 9.01
CA LEU A 18 8.55 -15.10 10.43
C LEU A 18 7.30 -15.76 11.02
N TYR A 19 6.16 -15.56 10.35
CA TYR A 19 4.88 -16.09 10.81
C TYR A 19 4.50 -17.39 10.14
N PHE A 20 5.08 -17.63 8.96
CA PHE A 20 4.77 -18.79 8.15
C PHE A 20 5.82 -18.97 7.08
N GLN A 21 5.89 -20.16 6.50
CA GLN A 21 6.89 -20.44 5.47
C GLN A 21 6.50 -19.78 4.15
N SER A 22 7.35 -18.87 3.68
CA SER A 22 7.16 -18.18 2.39
CA SER A 22 7.09 -18.20 2.41
C SER A 22 7.23 -19.20 1.26
N MET A 23 6.46 -18.95 0.21
CA MET A 23 6.46 -19.79 -0.99
C MET A 23 6.94 -18.95 -2.17
N SER A 24 7.35 -19.63 -3.24
CA SER A 24 7.92 -18.95 -4.40
C SER A 24 7.56 -19.67 -5.68
N ARG A 25 7.31 -18.89 -6.73
CA ARG A 25 7.17 -19.43 -8.07
C ARG A 25 7.64 -18.39 -9.05
N VAL A 26 8.88 -18.55 -9.50
CA VAL A 26 9.51 -17.56 -10.36
C VAL A 26 9.02 -17.74 -11.79
N LEU A 27 8.34 -16.72 -12.31
CA LEU A 27 7.74 -16.77 -13.63
C LEU A 27 8.57 -16.02 -14.67
N GLN A 28 9.03 -16.76 -15.67
CA GLN A 28 9.54 -16.11 -16.90
C GLN A 28 8.33 -15.73 -17.75
N ALA A 29 8.57 -14.94 -18.80
CA ALA A 29 7.48 -14.36 -19.61
C ALA A 29 6.41 -15.38 -20.05
N GLU A 30 6.83 -16.48 -20.67
CA GLU A 30 5.87 -17.44 -21.23
C GLU A 30 4.89 -17.95 -20.16
N GLU A 31 5.45 -18.36 -19.03
CA GLU A 31 4.64 -18.88 -17.93
C GLU A 31 3.79 -17.78 -17.31
N LEU A 32 4.33 -16.56 -17.20
CA LEU A 32 3.56 -15.43 -16.69
C LEU A 32 2.28 -15.21 -17.50
N HIS A 33 2.41 -15.20 -18.82
CA HIS A 33 1.25 -14.94 -19.68
C HIS A 33 0.18 -16.04 -19.51
N GLU A 34 0.61 -17.30 -19.45
CA GLU A 34 -0.30 -18.42 -19.26
C GLU A 34 -0.91 -18.43 -17.85
N LYS A 35 -0.08 -18.17 -16.85
CA LYS A 35 -0.50 -18.14 -15.43
C LYS A 35 -1.64 -17.15 -15.20
N ALA A 36 -1.54 -15.96 -15.80
CA ALA A 36 -2.60 -14.95 -15.69
C ALA A 36 -3.94 -15.43 -16.24
N LEU A 37 -3.90 -16.44 -17.14
CA LEU A 37 -5.08 -16.96 -17.80
C LEU A 37 -5.49 -18.35 -17.30
N ASP A 38 -4.99 -18.75 -16.12
CA ASP A 38 -5.35 -20.04 -15.51
C ASP A 38 -5.98 -19.79 -14.13
N PRO A 39 -7.26 -19.42 -14.11
CA PRO A 39 -7.91 -19.15 -12.83
C PRO A 39 -7.93 -20.35 -11.87
N PHE A 40 -7.98 -21.57 -12.41
CA PHE A 40 -7.96 -22.78 -11.58
C PHE A 40 -6.65 -22.88 -10.79
N LEU A 41 -5.52 -22.67 -11.45
CA LEU A 41 -4.23 -22.72 -10.74
C LEU A 41 -4.08 -21.48 -9.84
N LEU A 42 -4.53 -20.32 -10.32
CA LEU A 42 -4.40 -19.09 -9.53
C LEU A 42 -5.11 -19.24 -8.18
N GLN A 43 -6.31 -19.81 -8.17
CA GLN A 43 -7.06 -19.98 -6.92
C GLN A 43 -6.42 -21.05 -6.03
N ALA A 44 -5.89 -22.12 -6.63
CA ALA A 44 -5.18 -23.16 -5.87
C ALA A 44 -3.98 -22.54 -5.14
N GLU A 45 -3.19 -21.80 -5.88
CA GLU A 45 -2.01 -21.14 -5.35
C GLU A 45 -2.39 -20.11 -4.27
N PHE A 46 -3.33 -19.23 -4.60
CA PHE A 46 -3.74 -18.13 -3.72
C PHE A 46 -4.20 -18.63 -2.36
N PHE A 47 -5.06 -19.64 -2.36
CA PHE A 47 -5.66 -20.09 -1.10
C PHE A 47 -4.76 -21.04 -0.28
N GLU A 48 -3.53 -21.24 -0.77
CA GLU A 48 -2.45 -21.84 0.04
C GLU A 48 -1.70 -20.79 0.87
N ILE A 49 -1.89 -19.51 0.58
CA ILE A 49 -1.17 -18.44 1.27
C ILE A 49 -1.98 -18.05 2.52
N PRO A 50 -1.39 -18.19 3.73
CA PRO A 50 -2.12 -17.77 4.92
C PRO A 50 -2.44 -16.28 4.93
N MET A 51 -3.62 -15.91 5.42
CA MET A 51 -4.00 -14.49 5.58
C MET A 51 -3.11 -13.79 6.59
N ASN A 52 -2.70 -14.50 7.64
CA ASN A 52 -1.84 -13.95 8.69
C ASN A 52 -2.47 -12.74 9.39
N PHE A 53 -3.79 -12.79 9.58
CA PHE A 53 -4.48 -11.79 10.38
C PHE A 53 -4.12 -11.92 11.85
N VAL A 54 -4.08 -10.79 12.56
CA VAL A 54 -3.77 -10.79 13.98
C VAL A 54 -5.06 -11.03 14.77
N ASP A 55 -4.92 -11.78 15.85
CA ASP A 55 -6.01 -11.96 16.80
C ASP A 55 -6.30 -10.62 17.46
N PRO A 56 -7.55 -10.12 17.33
CA PRO A 56 -7.90 -8.85 17.99
C PRO A 56 -7.55 -8.77 19.48
N LYS A 57 -7.55 -9.91 20.17
CA LYS A 57 -7.20 -9.95 21.59
C LYS A 57 -5.73 -9.64 21.88
N GLU A 58 -4.90 -9.57 20.83
CA GLU A 58 -3.51 -9.13 20.97
C GLU A 58 -3.42 -7.68 21.42
N TYR A 59 -4.46 -6.90 21.11
CA TYR A 59 -4.53 -5.51 21.52
C TYR A 59 -5.52 -5.38 22.66
N ASP A 60 -5.06 -4.91 23.81
CA ASP A 60 -5.93 -4.63 24.95
C ASP A 60 -5.72 -3.16 25.31
N ILE A 61 -6.35 -2.29 24.54
CA ILE A 61 -6.14 -0.85 24.67
C ILE A 61 -7.49 -0.12 24.73
N PRO A 62 -7.84 0.45 25.91
CA PRO A 62 -9.05 1.26 25.99
C PRO A 62 -9.08 2.35 24.93
N GLY A 63 -10.22 2.51 24.25
CA GLY A 63 -10.39 3.53 23.23
C GLY A 63 -9.98 3.11 21.83
N LEU A 64 -9.45 1.89 21.70
CA LEU A 64 -8.99 1.40 20.41
C LEU A 64 -10.13 1.27 19.41
N VAL A 65 -11.35 1.02 19.92
CA VAL A 65 -12.53 0.84 19.07
C VAL A 65 -12.72 1.99 18.06
N ARG A 66 -12.38 3.20 18.49
CA ARG A 66 -12.50 4.40 17.65
C ARG A 66 -11.42 4.52 16.57
N LYS A 67 -10.38 3.70 16.65
CA LYS A 67 -9.21 3.82 15.79
C LYS A 67 -9.21 2.88 14.58
N ASN A 68 -10.10 1.88 14.60
CA ASN A 68 -10.15 0.88 13.54
C ASN A 68 -11.46 0.95 12.80
N ARG A 69 -11.39 0.92 11.47
CA ARG A 69 -12.61 0.89 10.69
C ARG A 69 -13.28 -0.47 10.78
N TYR A 70 -12.45 -1.52 10.81
CA TYR A 70 -12.94 -2.89 10.89
C TYR A 70 -12.29 -3.59 12.10
N LYS A 71 -13.12 -4.09 13.00
CA LYS A 71 -12.64 -4.67 14.26
C LYS A 71 -11.70 -5.88 14.09
N THR A 72 -11.84 -6.62 13.00
CA THR A 72 -11.04 -7.83 12.77
C THR A 72 -9.85 -7.62 11.82
N ILE A 73 -9.66 -6.39 11.34
CA ILE A 73 -8.55 -6.07 10.47
C ILE A 73 -7.65 -5.10 11.23
N LEU A 74 -6.59 -5.66 11.82
CA LEU A 74 -5.70 -4.94 12.72
C LEU A 74 -4.27 -5.08 12.23
N PRO A 75 -3.39 -4.18 12.66
CA PRO A 75 -1.99 -4.23 12.22
C PRO A 75 -1.21 -5.31 12.94
N ASN A 76 -0.40 -6.06 12.20
CA ASN A 76 0.46 -7.04 12.83
C ASN A 76 1.43 -6.32 13.76
N PRO A 77 1.49 -6.76 15.03
CA PRO A 77 2.30 -6.02 16.01
C PRO A 77 3.76 -5.75 15.65
N HIS A 78 4.45 -6.72 15.05
CA HIS A 78 5.90 -6.57 14.85
C HIS A 78 6.27 -5.45 13.85
N SER A 79 5.37 -5.17 12.91
CA SER A 79 5.62 -4.21 11.85
C SER A 79 4.71 -2.97 11.92
N ARG A 80 3.93 -2.84 13.00
CA ARG A 80 3.01 -1.71 13.10
C ARG A 80 3.77 -0.40 13.23
N VAL A 81 3.20 0.65 12.68
CA VAL A 81 3.78 1.99 12.81
C VAL A 81 3.37 2.56 14.16
N CYS A 82 4.35 2.79 15.04
CA CYS A 82 4.10 3.40 16.35
C CYS A 82 4.28 4.90 16.24
N LEU A 83 3.29 5.68 16.71
CA LEU A 83 3.38 7.13 16.69
C LEU A 83 4.08 7.62 17.94
N THR A 84 5.28 8.16 17.76
CA THR A 84 6.19 8.40 18.88
C THR A 84 6.03 9.80 19.52
N SER A 85 5.16 10.64 18.95
CA SER A 85 4.88 11.97 19.51
C SER A 85 3.37 12.13 19.60
N PRO A 86 2.85 12.70 20.71
CA PRO A 86 3.52 13.30 21.87
C PRO A 86 3.69 12.39 23.09
N ASP A 87 3.36 11.11 22.96
CA ASP A 87 3.22 10.23 24.12
C ASP A 87 3.52 8.79 23.69
N PRO A 88 4.80 8.49 23.41
CA PRO A 88 5.18 7.20 22.84
C PRO A 88 4.90 6.02 23.75
N ASP A 89 4.91 6.28 25.06
CA ASP A 89 4.65 5.24 26.06
C ASP A 89 3.16 4.99 26.32
N ASP A 90 2.27 5.77 25.69
CA ASP A 90 0.84 5.50 25.83
C ASP A 90 0.34 4.65 24.66
N PRO A 91 -0.14 3.43 24.94
CA PRO A 91 -0.61 2.56 23.87
C PRO A 91 -1.60 3.21 22.90
N LEU A 92 -2.61 3.92 23.39
CA LEU A 92 -3.63 4.51 22.50
C LEU A 92 -3.04 5.66 21.66
N SER A 93 -2.33 6.57 22.31
CA SER A 93 -1.68 7.67 21.58
C SER A 93 -0.74 7.17 20.47
N SER A 94 -0.04 6.07 20.71
CA SER A 94 0.93 5.58 19.74
C SER A 94 0.31 4.73 18.62
N TYR A 95 -1.00 4.51 18.69
CA TYR A 95 -1.68 3.56 17.80
C TYR A 95 -2.22 4.19 16.52
N ILE A 96 -1.90 3.53 15.42
CA ILE A 96 -2.54 3.75 14.14
C ILE A 96 -2.62 2.40 13.40
N ASN A 97 -3.71 2.19 12.66
CA ASN A 97 -3.88 0.94 11.92
C ASN A 97 -3.07 1.06 10.64
N ALA A 98 -1.79 0.72 10.75
CA ALA A 98 -0.81 0.90 9.68
C ALA A 98 0.40 0.01 9.95
N ASN A 99 1.01 -0.50 8.87
CA ASN A 99 2.20 -1.31 8.99
C ASN A 99 3.24 -0.87 7.98
N TYR A 100 4.50 -0.93 8.42
CA TYR A 100 5.63 -0.83 7.52
C TYR A 100 5.64 -2.05 6.62
N ILE A 101 5.91 -1.81 5.34
CA ILE A 101 5.91 -2.85 4.33
C ILE A 101 7.26 -2.88 3.61
N ARG A 102 7.90 -4.04 3.59
CA ARG A 102 9.14 -4.21 2.83
C ARG A 102 8.84 -4.13 1.34
N GLY A 103 9.77 -3.58 0.59
CA GLY A 103 9.65 -3.49 -0.87
C GLY A 103 10.44 -4.58 -1.58
N TYR A 104 10.80 -4.28 -2.82
CA TYR A 104 11.53 -5.22 -3.67
C TYR A 104 12.82 -5.66 -3.00
N GLY A 105 13.09 -6.97 -3.02
CA GLY A 105 14.31 -7.54 -2.44
C GLY A 105 14.36 -7.48 -0.93
N GLY A 106 13.22 -7.19 -0.30
CA GLY A 106 13.14 -7.09 1.16
C GLY A 106 13.55 -5.75 1.76
N GLU A 107 13.77 -4.73 0.92
CA GLU A 107 14.15 -3.41 1.42
C GLU A 107 13.15 -2.92 2.49
N GLU A 108 13.67 -2.49 3.64
CA GLU A 108 12.81 -2.12 4.75
C GLU A 108 12.07 -0.82 4.53
N LYS A 109 10.82 -0.77 4.99
CA LYS A 109 10.03 0.45 5.04
C LYS A 109 9.90 1.19 3.72
N VAL A 110 9.74 0.46 2.62
CA VAL A 110 9.48 1.10 1.34
C VAL A 110 8.09 1.74 1.33
N TYR A 111 7.11 1.03 1.89
CA TYR A 111 5.74 1.53 1.97
C TYR A 111 5.24 1.47 3.41
N ILE A 112 4.17 2.21 3.65
CA ILE A 112 3.30 1.98 4.80
C ILE A 112 1.90 1.70 4.24
N ALA A 113 1.32 0.56 4.61
CA ALA A 113 -0.04 0.22 4.22
C ALA A 113 -0.94 0.55 5.40
N THR A 114 -1.99 1.32 5.16
CA THR A 114 -2.86 1.78 6.25
C THR A 114 -4.29 1.84 5.79
N GLN A 115 -5.22 1.83 6.74
CA GLN A 115 -6.63 1.99 6.41
C GLN A 115 -6.90 3.42 5.96
N GLY A 116 -7.98 3.64 5.21
CA GLY A 116 -8.37 5.00 4.91
C GLY A 116 -8.74 5.71 6.21
N PRO A 117 -8.22 6.93 6.41
CA PRO A 117 -8.56 7.64 7.65
C PRO A 117 -10.07 7.80 7.86
N ILE A 118 -10.48 7.68 9.12
CA ILE A 118 -11.86 7.91 9.54
C ILE A 118 -11.87 9.18 10.41
N VAL A 119 -13.05 9.68 10.76
CA VAL A 119 -13.15 10.97 11.45
C VAL A 119 -12.21 11.01 12.66
N SER A 120 -12.19 9.91 13.42
CA SER A 120 -11.40 9.83 14.65
C SER A 120 -9.90 9.59 14.47
N THR A 121 -9.45 9.39 13.23
CA THR A 121 -8.03 9.12 12.96
C THR A 121 -7.36 10.08 11.95
N VAL A 122 -8.06 11.11 11.51
CA VAL A 122 -7.46 12.08 10.55
C VAL A 122 -6.20 12.72 11.12
N ALA A 123 -6.27 13.24 12.35
CA ALA A 123 -5.09 13.84 12.99
C ALA A 123 -3.96 12.83 13.17
N ASP A 124 -4.30 11.60 13.57
CA ASP A 124 -3.34 10.50 13.69
C ASP A 124 -2.61 10.23 12.37
N PHE A 125 -3.39 10.18 11.27
CA PHE A 125 -2.82 10.01 9.93
C PHE A 125 -1.76 11.07 9.63
N TRP A 126 -2.08 12.33 9.86
CA TRP A 126 -1.12 13.41 9.62
C TRP A 126 0.07 13.35 10.56
N ARG A 127 -0.14 12.90 11.79
CA ARG A 127 0.98 12.64 12.70
C ARG A 127 1.96 11.64 12.07
N MET A 128 1.41 10.58 11.47
CA MET A 128 2.23 9.57 10.81
C MET A 128 3.00 10.14 9.63
N VAL A 129 2.29 10.88 8.77
CA VAL A 129 2.90 11.53 7.60
C VAL A 129 4.11 12.38 8.03
N TRP A 130 3.93 13.21 9.05
CA TRP A 130 5.00 14.07 9.53
C TRP A 130 6.14 13.25 10.16
N GLN A 131 5.78 12.28 10.99
CA GLN A 131 6.78 11.45 11.66
C GLN A 131 7.68 10.72 10.66
N GLU A 132 7.06 10.20 9.60
CA GLU A 132 7.75 9.34 8.65
C GLU A 132 8.39 10.10 7.49
N HIS A 133 8.20 11.42 7.44
CA HIS A 133 8.66 12.25 6.31
C HIS A 133 8.12 11.72 4.98
N THR A 134 6.90 11.19 4.99
CA THR A 134 6.34 10.56 3.81
C THR A 134 6.25 11.56 2.66
N PRO A 135 6.86 11.25 1.50
CA PRO A 135 6.82 12.15 0.34
C PRO A 135 5.61 11.97 -0.59
N ILE A 136 4.99 10.80 -0.53
CA ILE A 136 3.94 10.41 -1.46
C ILE A 136 2.89 9.60 -0.73
N ILE A 137 1.63 9.93 -0.99
CA ILE A 137 0.48 9.13 -0.57
C ILE A 137 -0.23 8.63 -1.81
N VAL A 138 -0.52 7.32 -1.83
CA VAL A 138 -1.37 6.71 -2.85
C VAL A 138 -2.71 6.26 -2.23
N MET A 139 -3.81 6.87 -2.69
CA MET A 139 -5.14 6.63 -2.18
C MET A 139 -5.96 5.97 -3.27
N ILE A 140 -6.55 4.83 -2.95
CA ILE A 140 -7.28 4.04 -3.95
C ILE A 140 -8.73 3.87 -3.50
N THR A 141 -9.65 4.47 -4.25
CA THR A 141 -11.08 4.24 -4.07
C THR A 141 -11.67 3.55 -5.30
N THR A 151 -13.73 9.51 4.18
CA THR A 151 -13.45 10.80 4.81
C THR A 151 -12.42 11.57 3.98
N GLU A 152 -12.74 12.82 3.65
CA GLU A 152 -11.79 13.71 2.98
C GLU A 152 -10.89 14.34 4.04
N TYR A 153 -9.71 13.75 4.23
CA TYR A 153 -8.82 14.12 5.33
C TYR A 153 -7.84 15.25 4.96
N TRP A 154 -7.89 15.71 3.71
CA TRP A 154 -7.11 16.86 3.27
C TRP A 154 -8.05 18.06 3.17
N PRO A 155 -7.51 19.28 3.33
CA PRO A 155 -8.35 20.47 3.24
C PRO A 155 -8.63 20.89 1.80
N GLU A 156 -9.69 21.67 1.61
CA GLU A 156 -9.97 22.30 0.32
C GLU A 156 -8.83 23.25 -0.06
N GLU A 157 -8.31 23.96 0.94
CA GLU A 157 -7.18 24.87 0.76
C GLU A 157 -6.12 24.69 1.86
N GLN A 158 -6.52 24.92 3.12
CA GLN A 158 -5.57 24.87 4.23
C GLN A 158 -6.23 24.41 5.54
N VAL A 159 -5.47 23.64 6.32
CA VAL A 159 -5.88 23.19 7.67
C VAL A 159 -4.62 22.84 8.47
N ALA A 160 -4.71 22.94 9.80
CA ALA A 160 -3.57 22.67 10.68
C ALA A 160 -3.89 21.60 11.72
N TYR A 161 -3.04 20.59 11.83
CA TYR A 161 -3.13 19.56 12.87
C TYR A 161 -1.81 19.48 13.65
N ASP A 162 -1.88 19.58 14.97
CA ASP A 162 -0.75 19.31 15.86
C ASP A 162 0.55 20.01 15.44
N GLY A 163 0.43 21.29 15.09
CA GLY A 163 1.58 22.12 14.79
C GLY A 163 2.02 22.13 13.34
N VAL A 164 1.39 21.31 12.50
CA VAL A 164 1.76 21.25 11.08
C VAL A 164 0.65 21.80 10.17
N GLU A 165 0.98 22.84 9.42
CA GLU A 165 0.04 23.47 8.48
C GLU A 165 0.04 22.69 7.16
N ILE A 166 -1.13 22.20 6.75
CA ILE A 166 -1.30 21.43 5.52
C ILE A 166 -2.00 22.26 4.45
N THR A 167 -1.28 22.55 3.35
CA THR A 167 -1.81 23.40 2.29
C THR A 167 -1.80 22.65 0.96
N VAL A 168 -2.97 22.54 0.32
CA VAL A 168 -3.06 22.01 -1.03
C VAL A 168 -2.72 23.13 -2.00
N GLN A 169 -1.59 23.02 -2.68
CA GLN A 169 -1.08 24.07 -3.56
C GLN A 169 -1.58 23.94 -5.00
N LYS A 170 -1.90 22.72 -5.43
CA LYS A 170 -2.35 22.49 -6.80
C LYS A 170 -3.08 21.15 -6.92
N VAL A 171 -4.13 21.12 -7.73
CA VAL A 171 -4.83 19.88 -8.05
C VAL A 171 -4.67 19.62 -9.54
N ILE A 172 -4.09 18.46 -9.87
CA ILE A 172 -3.85 18.04 -11.26
C ILE A 172 -4.77 16.86 -11.57
N HIS A 173 -5.70 17.06 -12.51
CA HIS A 173 -6.64 16.02 -12.89
C HIS A 173 -6.17 15.28 -14.14
N THR A 174 -6.08 13.96 -14.04
CA THR A 174 -5.81 13.11 -15.20
C THR A 174 -7.00 12.16 -15.42
N GLU A 175 -6.89 11.27 -16.41
CA GLU A 175 -7.99 10.36 -16.76
C GLU A 175 -8.41 9.50 -15.57
N ASP A 176 -7.41 8.99 -14.85
CA ASP A 176 -7.63 7.96 -13.83
C ASP A 176 -7.23 8.33 -12.40
N TYR A 177 -6.50 9.43 -12.23
CA TYR A 177 -6.19 9.91 -10.89
C TYR A 177 -6.21 11.44 -10.79
N ARG A 178 -6.35 11.92 -9.57
CA ARG A 178 -6.20 13.32 -9.21
C ARG A 178 -4.95 13.45 -8.35
N LEU A 179 -4.04 14.33 -8.75
CA LEU A 179 -2.80 14.57 -8.00
C LEU A 179 -2.83 15.92 -7.29
N ARG A 180 -2.69 15.88 -5.97
CA ARG A 180 -2.55 17.08 -5.17
C ARG A 180 -1.10 17.29 -4.77
N LEU A 181 -0.59 18.49 -5.06
CA LEU A 181 0.70 18.94 -4.56
C LEU A 181 0.42 19.71 -3.28
N ILE A 182 1.02 19.23 -2.18
CA ILE A 182 0.70 19.69 -0.83
C ILE A 182 1.96 20.21 -0.13
N SER A 183 1.82 21.31 0.61
CA SER A 183 2.88 21.82 1.47
C SER A 183 2.58 21.47 2.93
N LEU A 184 3.59 20.99 3.65
CA LEU A 184 3.50 20.72 5.09
C LEU A 184 4.53 21.59 5.80
N LYS A 185 4.08 22.45 6.72
CA LYS A 185 4.96 23.46 7.32
C LYS A 185 4.92 23.39 8.84
N SER A 186 6.08 23.19 9.46
CA SER A 186 6.21 23.16 10.93
C SER A 186 7.68 23.18 11.37
N GLU A 189 10.67 24.69 9.11
CA GLU A 189 10.61 23.39 8.44
C GLU A 189 9.41 23.30 7.51
N GLU A 190 9.68 23.18 6.21
CA GLU A 190 8.64 22.99 5.20
C GLU A 190 8.96 21.76 4.37
N ARG A 191 7.94 20.95 4.10
CA ARG A 191 8.11 19.75 3.28
C ARG A 191 7.04 19.71 2.20
N GLY A 192 7.36 19.04 1.11
CA GLY A 192 6.41 18.77 0.04
C GLY A 192 5.79 17.39 0.23
N LEU A 193 4.65 17.18 -0.42
CA LEU A 193 3.95 15.91 -0.39
C LEU A 193 3.13 15.81 -1.66
N LYS A 194 3.15 14.63 -2.29
CA LYS A 194 2.35 14.34 -3.47
C LYS A 194 1.26 13.34 -3.09
N HIS A 195 0.01 13.72 -3.33
CA HIS A 195 -1.15 12.90 -2.99
C HIS A 195 -1.83 12.45 -4.29
N TYR A 196 -1.71 11.16 -4.58
CA TYR A 196 -2.32 10.53 -5.77
C TYR A 196 -3.60 9.85 -5.37
N TRP A 197 -4.72 10.33 -5.91
CA TRP A 197 -6.02 9.74 -5.64
C TRP A 197 -6.49 9.02 -6.90
N PHE A 198 -6.36 7.70 -6.87
CA PHE A 198 -6.75 6.83 -7.99
C PHE A 198 -8.21 6.48 -7.82
N THR A 199 -9.03 6.97 -8.76
CA THR A 199 -10.47 6.78 -8.73
C THR A 199 -10.94 5.62 -9.64
N SER A 200 -10.05 5.13 -10.52
CA SER A 200 -10.43 4.12 -11.51
C SER A 200 -10.26 2.65 -11.07
N TRP A 201 -10.51 2.32 -9.79
CA TRP A 201 -10.42 0.91 -9.39
C TRP A 201 -11.58 0.13 -10.00
N PRO A 202 -11.27 -0.85 -10.86
CA PRO A 202 -12.30 -1.48 -11.67
C PRO A 202 -13.16 -2.49 -10.90
N ASP A 203 -14.45 -2.53 -11.23
CA ASP A 203 -15.36 -3.55 -10.69
C ASP A 203 -14.98 -4.93 -11.24
N GLN A 204 -14.71 -4.99 -12.54
CA GLN A 204 -14.25 -6.21 -13.19
C GLN A 204 -12.75 -6.15 -13.34
N LYS A 205 -12.05 -7.17 -12.82
CA LYS A 205 -10.58 -7.17 -12.84
C LYS A 205 -10.09 -7.97 -14.06
N THR A 206 -10.61 -7.57 -15.22
CA THR A 206 -10.30 -8.20 -16.49
C THR A 206 -9.05 -7.53 -17.09
N PRO A 207 -8.37 -8.21 -18.03
CA PRO A 207 -7.14 -7.66 -18.62
C PRO A 207 -7.29 -6.25 -19.21
N ASP A 208 -8.43 -5.96 -19.84
CA ASP A 208 -8.66 -4.63 -20.41
C ASP A 208 -8.72 -3.48 -19.35
N ARG A 209 -8.86 -3.85 -18.07
CA ARG A 209 -8.85 -2.86 -16.99
C ARG A 209 -7.47 -2.68 -16.34
N ALA A 210 -6.46 -3.41 -16.81
CA ALA A 210 -5.10 -3.33 -16.27
C ALA A 210 -4.34 -2.02 -16.51
N PRO A 211 -4.44 -1.43 -17.72
CA PRO A 211 -3.60 -0.27 -18.03
C PRO A 211 -3.59 0.91 -17.02
N PRO A 212 -4.76 1.37 -16.55
CA PRO A 212 -4.73 2.47 -15.56
C PRO A 212 -3.92 2.19 -14.28
N LEU A 213 -4.04 0.99 -13.71
CA LEU A 213 -3.26 0.63 -12.52
C LEU A 213 -1.78 0.60 -12.87
N LEU A 214 -1.44 0.00 -14.01
CA LEU A 214 -0.06 -0.04 -14.44
C LEU A 214 0.51 1.38 -14.59
N HIS A 215 -0.25 2.26 -15.24
CA HIS A 215 0.16 3.65 -15.41
C HIS A 215 0.41 4.35 -14.07
N LEU A 216 -0.49 4.16 -13.11
CA LEU A 216 -0.32 4.75 -11.76
C LEU A 216 0.94 4.24 -11.07
N VAL A 217 1.13 2.90 -11.11
CA VAL A 217 2.30 2.27 -10.50
C VAL A 217 3.59 2.88 -11.07
N ARG A 218 3.67 3.02 -12.38
CA ARG A 218 4.84 3.61 -13.02
C ARG A 218 5.02 5.11 -12.71
N GLU A 219 3.93 5.86 -12.63
CA GLU A 219 3.97 7.28 -12.24
C GLU A 219 4.53 7.43 -10.82
N VAL A 220 4.06 6.59 -9.92
CA VAL A 220 4.52 6.64 -8.54
C VAL A 220 5.98 6.20 -8.42
N GLU A 221 6.41 5.20 -9.20
CA GLU A 221 7.83 4.81 -9.23
C GLU A 221 8.71 5.99 -9.61
N GLU A 222 8.32 6.71 -10.66
CA GLU A 222 9.07 7.86 -11.12
C GLU A 222 9.12 8.94 -10.05
N ALA A 223 7.96 9.23 -9.45
CA ALA A 223 7.88 10.22 -8.37
C ALA A 223 8.80 9.81 -7.21
N ALA A 224 8.80 8.52 -6.86
CA ALA A 224 9.64 8.03 -5.77
C ALA A 224 11.11 8.27 -6.08
N GLN A 225 11.52 7.89 -7.30
CA GLN A 225 12.92 8.06 -7.70
C GLN A 225 13.34 9.53 -7.64
N GLN A 226 12.42 10.43 -8.00
CA GLN A 226 12.68 11.87 -7.98
C GLN A 226 12.93 12.44 -6.58
N GLU A 227 12.58 11.69 -5.53
CA GLU A 227 12.85 12.10 -4.16
C GLU A 227 14.32 11.99 -3.76
N GLY A 228 15.11 11.27 -4.56
CA GLY A 228 16.51 11.13 -4.28
C GLY A 228 16.82 10.05 -3.25
N PRO A 229 18.09 10.02 -2.80
CA PRO A 229 18.58 8.98 -1.91
C PRO A 229 17.80 8.84 -0.62
N HIS A 230 17.67 7.58 -0.20
CA HIS A 230 17.10 7.21 1.08
C HIS A 230 15.68 7.75 1.22
N CYS A 231 14.87 7.39 0.22
CA CYS A 231 13.48 7.82 0.16
C CYS A 231 12.73 7.33 1.39
N ALA A 232 11.93 8.22 1.98
CA ALA A 232 11.08 7.88 3.12
C ALA A 232 9.91 6.98 2.68
N PRO A 233 9.18 6.38 3.63
CA PRO A 233 8.08 5.49 3.24
C PRO A 233 6.94 6.16 2.48
N ILE A 234 6.44 5.44 1.49
CA ILE A 234 5.32 5.85 0.66
C ILE A 234 4.06 5.27 1.30
N ILE A 235 3.10 6.12 1.65
CA ILE A 235 1.84 5.67 2.24
C ILE A 235 0.88 5.24 1.14
N VAL A 236 0.30 4.05 1.33
CA VAL A 236 -0.73 3.53 0.42
C VAL A 236 -1.94 3.14 1.25
N HIS A 237 -3.12 3.61 0.86
CA HIS A 237 -4.33 3.27 1.59
C HIS A 237 -5.53 3.06 0.69
N SER A 238 -6.45 2.27 1.23
CA SER A 238 -7.78 2.05 0.71
C SER A 238 -8.61 1.80 1.96
N SER A 239 -9.90 1.59 1.81
CA SER A 239 -10.78 1.49 2.98
C SER A 239 -10.19 0.67 4.15
N ALA A 240 -9.94 -0.62 3.93
CA ALA A 240 -9.34 -1.48 4.97
C ALA A 240 -7.81 -1.43 4.94
N GLY A 241 -7.25 -1.01 3.80
CA GLY A 241 -5.82 -0.92 3.61
C GLY A 241 -5.13 -2.25 3.42
N ILE A 242 -5.84 -3.23 2.85
CA ILE A 242 -5.28 -4.56 2.58
C ILE A 242 -5.49 -5.09 1.14
N GLY A 243 -6.69 -4.95 0.60
CA GLY A 243 -7.01 -5.56 -0.71
C GLY A 243 -6.40 -4.80 -1.88
N ARG A 244 -6.99 -3.64 -2.18
CA ARG A 244 -6.50 -2.79 -3.26
C ARG A 244 -5.12 -2.21 -2.95
N THR A 245 -4.87 -1.93 -1.67
CA THR A 245 -3.55 -1.53 -1.19
C THR A 245 -2.50 -2.62 -1.51
N GLY A 246 -2.82 -3.87 -1.18
CA GLY A 246 -1.94 -4.99 -1.51
C GLY A 246 -1.67 -5.15 -2.99
N CYS A 247 -2.71 -4.96 -3.80
CA CYS A 247 -2.58 -5.05 -5.27
CA CYS A 247 -2.60 -5.06 -5.25
C CYS A 247 -1.62 -4.02 -5.80
N PHE A 248 -1.78 -2.77 -5.34
CA PHE A 248 -0.92 -1.69 -5.76
C PHE A 248 0.54 -2.01 -5.40
N ILE A 249 0.78 -2.42 -4.15
CA ILE A 249 2.14 -2.60 -3.67
C ILE A 249 2.81 -3.82 -4.34
N ALA A 250 2.09 -4.93 -4.43
CA ALA A 250 2.57 -6.12 -5.14
C ALA A 250 2.99 -5.80 -6.58
N THR A 251 2.13 -5.08 -7.28
CA THR A 251 2.42 -4.64 -8.66
C THR A 251 3.67 -3.76 -8.72
N SER A 252 3.78 -2.81 -7.79
CA SER A 252 4.94 -1.92 -7.71
C SER A 252 6.24 -2.72 -7.55
N ILE A 253 6.25 -3.63 -6.58
CA ILE A 253 7.41 -4.50 -6.30
C ILE A 253 7.77 -5.34 -7.52
N CYS A 254 6.75 -5.99 -8.11
CA CYS A 254 6.99 -6.88 -9.25
C CYS A 254 7.45 -6.17 -10.53
N CYS A 255 7.05 -4.91 -10.71
CA CYS A 255 7.57 -4.11 -11.83
C CYS A 255 9.08 -3.92 -11.71
N GLN A 256 9.57 -3.60 -10.52
CA GLN A 256 11.03 -3.49 -10.32
C GLN A 256 11.68 -4.84 -10.54
N GLN A 257 11.08 -5.91 -10.03
CA GLN A 257 11.63 -7.24 -10.25
C GLN A 257 11.75 -7.59 -11.74
N LEU A 258 10.71 -7.31 -12.51
CA LEU A 258 10.71 -7.60 -13.93
C LEU A 258 11.83 -6.83 -14.66
N ARG A 259 11.97 -5.54 -14.36
CA ARG A 259 13.01 -4.75 -14.99
C ARG A 259 14.41 -5.19 -14.61
N GLN A 260 14.59 -5.61 -13.36
CA GLN A 260 15.91 -5.90 -12.82
C GLN A 260 16.33 -7.33 -13.08
N GLU A 261 15.38 -8.27 -12.99
CA GLU A 261 15.66 -9.70 -13.09
C GLU A 261 15.10 -10.40 -14.31
N GLY A 262 14.15 -9.78 -15.01
CA GLY A 262 13.50 -10.39 -16.16
C GLY A 262 12.49 -11.49 -15.85
N VAL A 263 12.11 -11.58 -14.57
CA VAL A 263 11.14 -12.54 -14.07
C VAL A 263 10.27 -11.81 -13.06
N VAL A 264 9.14 -12.41 -12.70
CA VAL A 264 8.34 -11.95 -11.55
C VAL A 264 8.02 -13.15 -10.66
N ASP A 265 8.02 -12.90 -9.36
CA ASP A 265 7.63 -13.88 -8.35
C ASP A 265 6.50 -13.26 -7.53
N ILE A 266 5.28 -13.33 -8.09
CA ILE A 266 4.11 -12.74 -7.45
C ILE A 266 3.75 -13.52 -6.16
N LEU A 267 3.99 -14.81 -6.18
CA LEU A 267 3.72 -15.65 -5.01
C LEU A 267 4.61 -15.25 -3.82
N LYS A 268 5.91 -15.13 -4.05
CA LYS A 268 6.83 -14.74 -2.98
C LYS A 268 6.53 -13.32 -2.49
N THR A 269 6.24 -12.42 -3.43
CA THR A 269 5.90 -11.03 -3.10
C THR A 269 4.66 -10.97 -2.21
N THR A 270 3.62 -11.71 -2.58
CA THR A 270 2.41 -11.81 -1.79
C THR A 270 2.68 -12.37 -0.38
N CYS A 271 3.46 -13.44 -0.30
CA CYS A 271 3.89 -13.97 1.00
C CYS A 271 4.56 -12.87 1.86
N GLN A 272 5.50 -12.13 1.25
CA GLN A 272 6.24 -11.07 1.95
C GLN A 272 5.29 -10.02 2.47
N LEU A 273 4.30 -9.64 1.66
CA LEU A 273 3.31 -8.64 2.03
C LEU A 273 2.47 -9.10 3.23
N ARG A 274 2.05 -10.37 3.17
CA ARG A 274 1.25 -10.96 4.26
C ARG A 274 2.01 -11.04 5.59
N GLN A 275 3.32 -11.29 5.53
CA GLN A 275 4.15 -11.31 6.74
C GLN A 275 4.14 -9.92 7.40
N ASP A 276 4.06 -8.88 6.57
CA ASP A 276 4.10 -7.49 7.02
C ASP A 276 2.73 -6.97 7.48
N ARG A 277 1.67 -7.40 6.80
CA ARG A 277 0.32 -6.95 7.15
C ARG A 277 -0.66 -8.02 6.70
N GLY A 278 -1.38 -8.59 7.66
CA GLY A 278 -2.31 -9.67 7.38
C GLY A 278 -3.34 -9.25 6.34
N GLY A 279 -3.65 -10.14 5.40
CA GLY A 279 -4.72 -9.89 4.43
C GLY A 279 -4.35 -9.19 3.13
N MET A 280 -3.10 -8.74 3.00
CA MET A 280 -2.68 -8.03 1.78
C MET A 280 -2.98 -8.86 0.51
N ILE A 281 -3.74 -8.26 -0.41
CA ILE A 281 -4.43 -8.93 -1.53
C ILE A 281 -5.50 -9.86 -0.95
N GLN A 282 -6.74 -9.39 -0.98
CA GLN A 282 -7.84 -10.06 -0.28
C GLN A 282 -8.52 -11.17 -1.05
N THR A 283 -8.64 -11.02 -2.37
CA THR A 283 -9.43 -11.92 -3.19
C THR A 283 -8.59 -12.53 -4.30
N CYS A 284 -9.04 -13.65 -4.84
CA CYS A 284 -8.33 -14.30 -5.93
C CYS A 284 -8.47 -13.49 -7.22
N GLU A 285 -9.57 -12.74 -7.32
CA GLU A 285 -9.80 -11.87 -8.46
C GLU A 285 -8.71 -10.77 -8.48
N GLN A 286 -8.39 -10.27 -7.29
CA GLN A 286 -7.30 -9.29 -7.12
C GLN A 286 -5.95 -9.93 -7.46
N TYR A 287 -5.74 -11.14 -6.97
CA TYR A 287 -4.50 -11.88 -7.25
C TYR A 287 -4.33 -12.10 -8.76
N GLN A 288 -5.40 -12.54 -9.44
CA GLN A 288 -5.37 -12.68 -10.89
C GLN A 288 -5.09 -11.33 -11.57
N PHE A 289 -5.67 -10.26 -11.04
CA PHE A 289 -5.49 -8.91 -11.61
C PHE A 289 -4.02 -8.51 -11.62
N VAL A 290 -3.31 -8.79 -10.52
CA VAL A 290 -1.88 -8.53 -10.46
C VAL A 290 -1.14 -9.30 -11.58
N HIS A 291 -1.54 -10.54 -11.82
CA HIS A 291 -0.97 -11.29 -12.94
C HIS A 291 -1.27 -10.65 -14.31
N HIS A 292 -2.52 -10.22 -14.51
CA HIS A 292 -2.90 -9.48 -15.73
C HIS A 292 -2.02 -8.25 -15.94
N VAL A 293 -1.84 -7.47 -14.88
CA VAL A 293 -1.03 -6.25 -14.96
C VAL A 293 0.42 -6.57 -15.30
N MET A 294 0.98 -7.58 -14.64
CA MET A 294 2.36 -7.97 -14.90
C MET A 294 2.57 -8.56 -16.30
N SER A 295 1.62 -9.38 -16.76
CA SER A 295 1.65 -9.89 -18.12
C SER A 295 1.66 -8.74 -19.12
N LEU A 296 0.80 -7.74 -18.91
CA LEU A 296 0.78 -6.57 -19.78
C LEU A 296 2.11 -5.83 -19.76
N TYR A 297 2.65 -5.60 -18.57
CA TYR A 297 3.91 -4.87 -18.46
C TYR A 297 5.06 -5.60 -19.17
N GLU A 298 5.07 -6.93 -19.07
CA GLU A 298 6.09 -7.73 -19.74
C GLU A 298 6.00 -7.54 -21.25
N LYS A 299 4.78 -7.52 -21.77
CA LYS A 299 4.57 -7.28 -23.20
C LYS A 299 5.07 -5.90 -23.62
N GLN A 300 4.76 -4.89 -22.80
CA GLN A 300 5.21 -3.53 -23.05
C GLN A 300 6.74 -3.44 -23.08
N LEU A 301 7.37 -4.03 -22.08
CA LEU A 301 8.84 -4.09 -21.98
C LEU A 301 9.52 -4.86 -23.11
N SER A 302 8.87 -5.91 -23.60
CA SER A 302 9.45 -6.79 -24.60
C SER A 302 9.48 -6.12 -25.96
N PTR B . -13.13 -7.36 5.90
CA PTR B . -14.27 -6.51 5.44
C PTR B . -14.87 -7.06 4.15
O PTR B . -15.85 -6.52 3.63
CB PTR B . -13.84 -5.04 5.29
CG PTR B . -13.01 -4.72 4.07
CD1 PTR B . -11.95 -5.54 3.66
CD2 PTR B . -13.25 -3.57 3.31
CE1 PTR B . -11.19 -5.23 2.54
CE2 PTR B . -12.50 -3.26 2.19
CZ PTR B . -11.46 -4.10 1.82
OH PTR B . -10.79 -3.84 0.81
P PTR B . -9.58 -2.75 0.79
O1P PTR B . -8.54 -3.24 1.71
O2P PTR B . -10.11 -1.40 1.23
O3P PTR B . -9.08 -2.71 -0.65
C1 EDO C . -6.16 -16.22 0.56
O1 EDO C . -4.80 -16.00 0.25
C2 EDO C . -6.28 -16.90 1.92
O2 EDO C . -5.63 -18.18 1.87
#